data_5I1H
#
_entry.id   5I1H
#
_cell.length_a   89.380
_cell.length_b   89.380
_cell.length_c   211.650
_cell.angle_alpha   90.00
_cell.angle_beta   90.00
_cell.angle_gamma   120.00
#
_symmetry.space_group_name_H-M   'P 65 2 2'
#
loop_
_entity.id
_entity.type
_entity.pdbx_description
1 polymer 'FAB LIGHT CHAIN'
2 polymer 'FAB HEAVY CHAIN'
3 non-polymer 'SULFATE ION'
4 water water
#
loop_
_entity_poly.entity_id
_entity_poly.type
_entity_poly.pdbx_seq_one_letter_code
_entity_poly.pdbx_strand_id
1 'polypeptide(L)'
;EIVLTQSPGTLSLSPGERATLSCRASQSVSSSYLAWYQQKPGQAPRLLIYGASSRATGIPDRFSGSGSGTDFTLTISRLE
PEDFAVYYCQQYGSSPLTFGQGTKVEIKRTVAAPSVFIFPPSDEQLKSGTASVVCLLNNFYPREAKVQWKVDNALQSGNS
QESVTEQDSKDSTYSLSSTLTLSKADYEKHKVYACEVTHQGLSSPVTKSFNRGEC
;
L
2 'polypeptide(L)'
;EVQLVETGGGLIQPGGSLRLSCAASGFTVSSNYMSWVRQAPGKGLEWVSVIYSGGSTYYADSVKGRFTISRDNSKNTLYL
QMNSLRAEDTAVYYCARYDGIYGELDFWGQGTLVTVSSASTKGPSVFPLAPSSKSTSGGTAALGCLVKDYFPEPVTVSWN
SGALTSGVHTFPAVLQSSGLYSLSSVVTVPSSSLGTQTYICNVNHKPSNTKVDKKVEPKSCHHHHHH
;
H
#
loop_
_chem_comp.id
_chem_comp.type
_chem_comp.name
_chem_comp.formula
SO4 non-polymer 'SULFATE ION' 'O4 S -2'
#
# COMPACT_ATOMS: atom_id res chain seq x y z
N GLU A 1 -0.98 28.44 -11.85
CA GLU A 1 -0.95 27.34 -10.85
C GLU A 1 0.39 27.30 -10.13
N ILE A 2 0.35 27.16 -8.81
CA ILE A 2 1.56 27.08 -7.99
C ILE A 2 2.09 25.63 -7.97
N VAL A 3 3.29 25.45 -8.54
CA VAL A 3 3.94 24.16 -8.60
C VAL A 3 4.85 23.99 -7.37
N LEU A 4 4.65 22.89 -6.65
CA LEU A 4 5.46 22.59 -5.48
C LEU A 4 6.47 21.47 -5.78
N THR A 5 7.75 21.82 -5.74
CA THR A 5 8.83 20.87 -6.00
C THR A 5 9.49 20.47 -4.68
N GLN A 6 9.40 19.18 -4.37
CA GLN A 6 9.97 18.66 -3.13
C GLN A 6 11.35 18.06 -3.37
N SER A 7 12.25 18.29 -2.43
CA SER A 7 13.58 17.69 -2.47
C SER A 7 14.01 17.26 -1.08
N PRO A 8 14.76 16.14 -0.98
CA PRO A 8 15.06 15.21 -2.08
C PRO A 8 13.86 14.31 -2.39
N GLY A 9 13.90 13.62 -3.52
CA GLY A 9 12.83 12.69 -3.89
C GLY A 9 12.77 11.49 -2.95
N THR A 10 13.94 10.97 -2.60
CA THR A 10 14.07 9.87 -1.64
C THR A 10 15.12 10.23 -0.60
N LEU A 11 14.95 9.69 0.60
CA LEU A 11 15.86 9.98 1.70
C LEU A 11 16.00 8.72 2.56
N SER A 12 17.24 8.31 2.78
CA SER A 12 17.54 7.16 3.63
C SER A 12 18.47 7.57 4.77
N LEU A 13 17.94 7.53 6.00
CA LEU A 13 18.68 7.94 7.20
C LEU A 13 18.39 7.00 8.38
N SER A 14 19.35 6.86 9.29
CA SER A 14 19.21 5.97 10.44
C SER A 14 18.34 6.59 11.54
N PRO A 15 17.79 5.74 12.44
CA PRO A 15 17.09 6.25 13.62
C PRO A 15 17.99 7.09 14.53
N GLY A 16 17.44 8.20 15.04
CA GLY A 16 18.22 9.16 15.82
C GLY A 16 18.78 10.31 14.99
N GLU A 17 18.97 10.06 13.69
CA GLU A 17 19.42 11.10 12.77
C GLU A 17 18.36 12.16 12.50
N ARG A 18 18.83 13.36 12.18
CA ARG A 18 17.98 14.47 11.80
C ARG A 18 17.65 14.38 10.31
N ALA A 19 16.37 14.58 9.98
CA ALA A 19 15.90 14.59 8.60
C ALA A 19 15.32 15.95 8.26
N THR A 20 15.71 16.48 7.11
CA THR A 20 15.27 17.79 6.65
C THR A 20 14.71 17.68 5.23
N LEU A 21 13.43 18.01 5.08
CA LEU A 21 12.77 17.96 3.77
C LEU A 21 12.43 19.34 3.25
N SER A 22 12.62 19.55 1.95
CA SER A 22 12.39 20.86 1.33
C SER A 22 11.20 20.86 0.37
N CYS A 23 10.53 22.00 0.28
CA CYS A 23 9.41 22.20 -0.64
C CYS A 23 9.50 23.59 -1.26
N ARG A 24 9.82 23.64 -2.55
CA ARG A 24 10.00 24.90 -3.26
C ARG A 24 8.75 25.22 -4.09
N ALA A 25 8.24 26.43 -3.93
CA ALA A 25 7.07 26.89 -4.68
C ALA A 25 7.48 27.76 -5.87
N SER A 26 6.78 27.61 -7.00
CA SER A 26 7.04 28.39 -8.21
C SER A 26 6.59 29.84 -8.06
N GLN A 27 5.68 30.09 -7.14
CA GLN A 27 5.20 31.43 -6.81
C GLN A 27 5.24 31.63 -5.29
N SER A 28 5.26 32.88 -4.84
CA SER A 28 5.19 33.18 -3.41
C SER A 28 3.92 32.60 -2.79
N VAL A 29 4.11 31.89 -1.69
CA VAL A 29 2.99 31.32 -0.93
C VAL A 29 3.09 31.85 0.49
N SER A 30 2.03 32.51 0.93
CA SER A 30 1.94 33.02 2.31
C SER A 30 2.16 31.89 3.31
N SER A 31 2.99 32.16 4.31
CA SER A 31 3.40 31.17 5.30
C SER A 31 2.24 30.41 5.96
N SER A 32 1.14 31.10 6.21
CA SER A 32 -0.02 30.51 6.89
C SER A 32 -0.81 29.51 6.02
N TYR A 33 -0.44 29.41 4.74
CA TYR A 33 -1.16 28.57 3.79
C TYR A 33 -0.32 27.41 3.23
N LEU A 34 0.56 26.85 4.05
CA LEU A 34 1.34 25.68 3.66
C LEU A 34 1.24 24.57 4.70
N ALA A 35 1.00 23.35 4.25
CA ALA A 35 0.85 22.21 5.14
C ALA A 35 1.70 21.02 4.70
N TRP A 36 2.00 20.15 5.66
CA TRP A 36 2.73 18.91 5.41
C TRP A 36 1.91 17.71 5.84
N TYR A 37 1.98 16.64 5.03
CA TYR A 37 1.27 15.40 5.35
C TYR A 37 2.23 14.21 5.41
N GLN A 38 1.92 13.28 6.31
CA GLN A 38 2.62 12.00 6.42
C GLN A 38 1.68 10.90 5.98
N GLN A 39 2.11 10.08 5.01
CA GLN A 39 1.31 8.96 4.54
C GLN A 39 2.07 7.65 4.63
N LYS A 40 1.60 6.77 5.50
CA LYS A 40 2.16 5.41 5.63
C LYS A 40 1.36 4.46 4.74
N PRO A 41 1.97 3.32 4.35
CA PRO A 41 1.36 2.42 3.35
C PRO A 41 -0.02 1.88 3.75
N GLY A 42 -0.96 1.92 2.81
CA GLY A 42 -2.34 1.47 3.05
C GLY A 42 -3.17 2.39 3.93
N GLN A 43 -2.66 3.60 4.16
CA GLN A 43 -3.30 4.57 5.05
C GLN A 43 -3.52 5.90 4.34
N ALA A 44 -4.50 6.66 4.82
CA ALA A 44 -4.74 8.02 4.39
C ALA A 44 -3.57 8.91 4.83
N PRO A 45 -3.30 10.00 4.08
CA PRO A 45 -2.35 10.99 4.59
C PRO A 45 -2.85 11.58 5.91
N ARG A 46 -1.90 11.91 6.78
CA ARG A 46 -2.19 12.53 8.06
C ARG A 46 -1.54 13.91 8.10
N LEU A 47 -2.30 14.92 8.50
CA LEU A 47 -1.78 16.28 8.65
C LEU A 47 -0.70 16.32 9.75
N LEU A 48 0.47 16.84 9.40
CA LEU A 48 1.57 16.97 10.34
C LEU A 48 1.72 18.42 10.78
N ILE A 49 1.85 19.29 9.79
CA ILE A 49 2.10 20.71 10.00
C ILE A 49 1.12 21.51 9.16
N TYR A 50 0.53 22.55 9.76
CA TYR A 50 -0.28 23.51 9.03
C TYR A 50 0.25 24.91 9.31
N GLY A 51 0.04 25.82 8.36
CA GLY A 51 0.52 27.20 8.50
C GLY A 51 2.03 27.26 8.63
N ALA A 52 2.71 26.47 7.81
CA ALA A 52 4.18 26.36 7.78
C ALA A 52 4.83 25.75 9.02
N SER A 53 4.36 26.14 10.21
CA SER A 53 5.08 25.83 11.46
C SER A 53 4.24 25.29 12.64
N SER A 54 2.91 25.21 12.48
CA SER A 54 2.05 24.71 13.56
C SER A 54 1.84 23.20 13.47
N ARG A 55 2.06 22.51 14.58
CA ARG A 55 1.84 21.07 14.68
C ARG A 55 0.36 20.73 14.84
N ALA A 56 -0.09 19.72 14.12
CA ALA A 56 -1.47 19.23 14.22
C ALA A 56 -1.68 18.41 15.49
N THR A 57 -2.90 17.95 15.70
CA THR A 57 -3.27 17.19 16.90
C THR A 57 -2.61 15.80 16.97
N GLY A 58 -2.02 15.49 18.11
CA GLY A 58 -1.36 14.21 18.34
C GLY A 58 -0.03 14.04 17.63
N ILE A 59 0.51 15.14 17.09
CA ILE A 59 1.81 15.11 16.40
C ILE A 59 2.94 15.34 17.40
N PRO A 60 3.91 14.39 17.46
CA PRO A 60 5.05 14.49 18.39
C PRO A 60 5.91 15.72 18.15
N ASP A 61 6.65 16.13 19.19
CA ASP A 61 7.52 17.30 19.16
C ASP A 61 8.61 17.24 18.08
N ARG A 62 9.10 16.04 17.80
CA ARG A 62 10.21 15.85 16.85
C ARG A 62 9.91 16.38 15.44
N PHE A 63 8.62 16.45 15.08
CA PHE A 63 8.21 17.07 13.84
C PHE A 63 8.10 18.57 14.05
N SER A 64 8.69 19.34 13.13
CA SER A 64 8.56 20.78 13.15
C SER A 64 8.64 21.32 11.73
N GLY A 65 8.03 22.48 11.53
CA GLY A 65 8.04 23.13 10.22
C GLY A 65 8.51 24.56 10.31
N SER A 66 9.00 25.08 9.19
CA SER A 66 9.42 26.48 9.09
C SER A 66 9.44 26.90 7.63
N GLY A 67 9.63 28.20 7.39
CA GLY A 67 9.75 28.72 6.03
C GLY A 67 8.70 29.76 5.68
N SER A 68 9.00 30.51 4.62
CA SER A 68 8.14 31.56 4.11
C SER A 68 8.50 31.84 2.65
N GLY A 69 7.58 32.47 1.92
CA GLY A 69 7.82 32.85 0.54
C GLY A 69 7.77 31.68 -0.41
N THR A 70 8.94 31.19 -0.82
CA THR A 70 9.03 30.10 -1.79
C THR A 70 9.82 28.88 -1.28
N ASP A 71 10.36 28.96 -0.06
CA ASP A 71 11.14 27.87 0.51
C ASP A 71 10.63 27.44 1.89
N PHE A 72 10.17 26.19 1.98
CA PHE A 72 9.60 25.65 3.20
C PHE A 72 10.29 24.35 3.60
N THR A 73 10.31 24.08 4.91
CA THR A 73 11.08 22.97 5.46
C THR A 73 10.26 22.17 6.47
N LEU A 74 10.27 20.84 6.32
CA LEU A 74 9.81 19.94 7.36
C LEU A 74 11.04 19.26 7.95
N THR A 75 11.11 19.24 9.28
CA THR A 75 12.21 18.61 9.98
C THR A 75 11.71 17.52 10.92
N ILE A 76 12.36 16.37 10.88
CA ILE A 76 12.24 15.36 11.93
C ILE A 76 13.57 15.39 12.67
N SER A 77 13.55 15.90 13.89
CA SER A 77 14.77 16.15 14.67
C SER A 77 15.53 14.86 15.00
N ARG A 78 14.79 13.82 15.37
CA ARG A 78 15.37 12.51 15.67
C ARG A 78 14.47 11.42 15.09
N LEU A 79 14.95 10.76 14.04
CA LEU A 79 14.17 9.75 13.34
C LEU A 79 13.86 8.51 14.18
N GLU A 80 12.63 8.03 14.07
CA GLU A 80 12.18 6.81 14.72
C GLU A 80 11.81 5.81 13.63
N PRO A 81 11.88 4.49 13.93
CA PRO A 81 11.52 3.49 12.92
C PRO A 81 10.12 3.69 12.32
N GLU A 82 9.17 4.16 13.12
CA GLU A 82 7.79 4.40 12.65
C GLU A 82 7.65 5.60 11.70
N ASP A 83 8.72 6.37 11.51
CA ASP A 83 8.68 7.54 10.63
C ASP A 83 8.82 7.21 9.13
N PHE A 84 8.98 5.93 8.81
CA PHE A 84 8.91 5.45 7.43
C PHE A 84 7.58 5.84 6.81
N ALA A 85 7.64 6.63 5.75
CA ALA A 85 6.45 7.14 5.07
C ALA A 85 6.81 7.98 3.87
N VAL A 86 5.80 8.40 3.13
CA VAL A 86 5.96 9.43 2.10
C VAL A 86 5.41 10.74 2.69
N TYR A 87 6.15 11.83 2.51
CA TYR A 87 5.77 13.14 3.05
C TYR A 87 5.45 14.14 1.94
N TYR A 88 4.28 14.78 2.04
CA TYR A 88 3.80 15.70 1.01
C TYR A 88 3.64 17.12 1.54
N CYS A 89 4.09 18.10 0.78
CA CYS A 89 3.77 19.50 1.06
C CYS A 89 2.57 19.93 0.22
N GLN A 90 1.81 20.89 0.74
CA GLN A 90 0.56 21.31 0.14
C GLN A 90 0.30 22.78 0.40
N GLN A 91 -0.11 23.51 -0.64
CA GLN A 91 -0.50 24.91 -0.49
C GLN A 91 -1.99 25.12 -0.83
N TYR A 92 -2.60 26.11 -0.19
CA TYR A 92 -3.92 26.61 -0.59
C TYR A 92 -4.02 28.14 -0.42
N GLY A 93 -2.89 28.82 -0.61
CA GLY A 93 -2.87 30.27 -0.64
C GLY A 93 -3.40 30.80 -1.95
N SER A 94 -3.43 29.92 -2.95
CA SER A 94 -3.91 30.24 -4.29
C SER A 94 -4.58 29.03 -4.93
N SER A 95 -5.65 29.28 -5.68
CA SER A 95 -6.37 28.22 -6.40
C SER A 95 -5.70 27.89 -7.74
N PRO A 96 -5.62 26.59 -8.10
CA PRO A 96 -6.15 25.45 -7.35
C PRO A 96 -5.19 24.91 -6.29
N LEU A 97 -5.76 24.18 -5.34
CA LEU A 97 -5.01 23.44 -4.31
C LEU A 97 -4.01 22.48 -4.97
N THR A 98 -2.73 22.60 -4.62
CA THR A 98 -1.68 21.74 -5.19
C THR A 98 -0.83 21.01 -4.16
N PHE A 99 -0.36 19.82 -4.53
CA PHE A 99 0.53 19.01 -3.70
C PHE A 99 1.91 18.92 -4.33
N GLY A 100 2.94 18.79 -3.49
CA GLY A 100 4.27 18.39 -3.95
C GLY A 100 4.26 16.92 -4.34
N GLN A 101 5.28 16.49 -5.08
CA GLN A 101 5.36 15.11 -5.57
C GLN A 101 5.75 14.09 -4.49
N GLY A 102 6.14 14.57 -3.32
CA GLY A 102 6.43 13.70 -2.19
C GLY A 102 7.90 13.37 -1.99
N THR A 103 8.28 13.18 -0.73
CA THR A 103 9.59 12.68 -0.36
C THR A 103 9.40 11.35 0.36
N LYS A 104 9.90 10.27 -0.24
CA LYS A 104 9.87 8.96 0.39
C LYS A 104 11.02 8.87 1.37
N VAL A 105 10.69 8.61 2.63
CA VAL A 105 11.69 8.50 3.69
C VAL A 105 11.84 7.03 4.09
N GLU A 106 13.07 6.53 3.94
CA GLU A 106 13.42 5.18 4.38
C GLU A 106 14.28 5.25 5.64
N ILE A 107 14.09 4.29 6.54
CA ILE A 107 14.92 4.20 7.75
C ILE A 107 16.11 3.27 7.52
N LYS A 108 17.30 3.86 7.62
CA LYS A 108 18.55 3.15 7.35
C LYS A 108 19.04 2.39 8.60
N ARG A 109 18.47 1.21 8.82
CA ARG A 109 18.87 0.36 9.94
C ARG A 109 20.17 -0.40 9.61
N THR A 110 20.69 -1.16 10.57
CA THR A 110 21.93 -1.92 10.38
C THR A 110 21.67 -3.19 9.54
N VAL A 111 22.72 -3.72 8.92
CA VAL A 111 22.59 -4.85 8.00
C VAL A 111 21.96 -6.08 8.67
N ALA A 112 20.93 -6.61 8.04
CA ALA A 112 20.24 -7.79 8.54
C ALA A 112 20.07 -8.82 7.41
N ALA A 113 20.62 -10.02 7.64
CA ALA A 113 20.57 -11.08 6.65
C ALA A 113 19.20 -11.74 6.60
N PRO A 114 18.75 -12.15 5.40
CA PRO A 114 17.44 -12.82 5.30
C PRO A 114 17.44 -14.25 5.85
N SER A 115 16.31 -14.66 6.39
CA SER A 115 16.04 -16.08 6.64
C SER A 115 15.32 -16.60 5.41
N VAL A 116 15.91 -17.62 4.76
CA VAL A 116 15.40 -18.10 3.49
C VAL A 116 14.58 -19.38 3.69
N PHE A 117 13.37 -19.39 3.12
CA PHE A 117 12.49 -20.55 3.15
C PHE A 117 12.01 -20.88 1.74
N ILE A 118 11.87 -22.16 1.44
CA ILE A 118 11.38 -22.62 0.14
C ILE A 118 10.09 -23.43 0.30
N PHE A 119 9.14 -23.22 -0.60
CA PHE A 119 7.85 -23.91 -0.54
C PHE A 119 7.55 -24.65 -1.84
N PRO A 120 7.31 -25.98 -1.75
CA PRO A 120 6.88 -26.74 -2.91
C PRO A 120 5.41 -26.40 -3.23
N PRO A 121 5.02 -26.47 -4.52
CA PRO A 121 3.60 -26.30 -4.86
C PRO A 121 2.76 -27.38 -4.18
N SER A 122 1.63 -26.98 -3.62
CA SER A 122 0.73 -27.91 -2.92
C SER A 122 0.12 -28.91 -3.90
N ASP A 123 -0.47 -29.99 -3.36
CA ASP A 123 -1.10 -31.01 -4.19
C ASP A 123 -2.35 -30.50 -4.91
N GLU A 124 -3.08 -29.60 -4.24
CA GLU A 124 -4.31 -29.03 -4.76
C GLU A 124 -4.09 -28.21 -6.04
N GLN A 125 -2.96 -27.48 -6.08
CA GLN A 125 -2.63 -26.65 -7.24
C GLN A 125 -2.26 -27.48 -8.47
N LEU A 126 -1.69 -28.67 -8.24
CA LEU A 126 -1.29 -29.57 -9.31
C LEU A 126 -2.50 -30.05 -10.13
N LYS A 127 -3.67 -30.15 -9.47
CA LYS A 127 -4.93 -30.50 -10.13
C LYS A 127 -5.31 -29.56 -11.28
N SER A 128 -4.95 -28.28 -11.15
CA SER A 128 -5.25 -27.28 -12.18
C SER A 128 -4.23 -27.28 -13.33
N GLY A 129 -3.11 -27.97 -13.14
CA GLY A 129 -2.09 -28.12 -14.19
C GLY A 129 -0.98 -27.08 -14.17
N THR A 130 -0.86 -26.36 -13.07
CA THR A 130 0.16 -25.32 -12.91
C THR A 130 0.85 -25.45 -11.56
N ALA A 131 2.16 -25.21 -11.53
CA ALA A 131 2.95 -25.31 -10.31
C ALA A 131 3.66 -24.01 -9.96
N SER A 132 3.35 -23.48 -8.78
CA SER A 132 4.02 -22.29 -8.26
C SER A 132 4.97 -22.68 -7.12
N VAL A 133 6.26 -22.41 -7.31
CA VAL A 133 7.27 -22.63 -6.27
C VAL A 133 7.63 -21.29 -5.63
N VAL A 134 7.50 -21.20 -4.31
CA VAL A 134 7.67 -19.94 -3.59
C VAL A 134 8.93 -19.92 -2.71
N CYS A 135 9.78 -18.93 -2.95
CA CYS A 135 10.95 -18.67 -2.12
C CYS A 135 10.74 -17.42 -1.29
N LEU A 136 10.81 -17.57 0.03
CA LEU A 136 10.65 -16.46 0.97
C LEU A 136 11.99 -16.02 1.57
N LEU A 137 12.25 -14.72 1.47
CA LEU A 137 13.36 -14.08 2.15
C LEU A 137 12.77 -13.20 3.24
N ASN A 138 12.99 -13.59 4.49
CA ASN A 138 12.29 -12.95 5.60
C ASN A 138 13.17 -12.02 6.44
N ASN A 139 12.63 -10.83 6.71
CA ASN A 139 13.18 -9.85 7.65
C ASN A 139 14.65 -9.46 7.45
N PHE A 140 14.93 -8.83 6.30
CA PHE A 140 16.28 -8.44 5.94
C PHE A 140 16.45 -6.94 5.68
N TYR A 141 17.70 -6.48 5.65
CA TYR A 141 18.06 -5.12 5.25
C TYR A 141 19.52 -5.08 4.76
N PRO A 142 19.81 -4.34 3.66
CA PRO A 142 18.94 -3.45 2.86
C PRO A 142 18.01 -4.18 1.90
N ARG A 143 17.21 -3.39 1.17
CA ARG A 143 16.17 -3.91 0.27
C ARG A 143 16.73 -4.76 -0.86
N GLU A 144 17.91 -4.39 -1.36
CA GLU A 144 18.56 -5.08 -2.48
C GLU A 144 18.94 -6.51 -2.11
N ALA A 145 18.46 -7.44 -2.91
CA ALA A 145 18.79 -8.86 -2.77
C ALA A 145 18.67 -9.52 -4.13
N LYS A 146 19.51 -10.51 -4.39
CA LYS A 146 19.46 -11.25 -5.64
C LYS A 146 18.90 -12.66 -5.39
N VAL A 147 17.81 -12.97 -6.06
CA VAL A 147 17.20 -14.29 -5.96
C VAL A 147 17.32 -15.00 -7.31
N GLN A 148 18.09 -16.08 -7.32
CA GLN A 148 18.25 -16.90 -8.51
C GLN A 148 17.61 -18.27 -8.31
N TRP A 149 16.80 -18.68 -9.28
CA TRP A 149 16.18 -20.00 -9.28
C TRP A 149 17.03 -20.99 -10.07
N LYS A 150 17.13 -22.21 -9.56
CA LYS A 150 17.85 -23.29 -10.22
C LYS A 150 17.03 -24.57 -10.20
N VAL A 151 16.80 -25.11 -11.40
CA VAL A 151 16.06 -26.35 -11.56
C VAL A 151 17.01 -27.41 -12.14
N ASP A 152 17.37 -28.39 -11.32
CA ASP A 152 18.38 -29.40 -11.66
C ASP A 152 19.69 -28.76 -12.15
N ASN A 153 20.14 -27.75 -11.42
CA ASN A 153 21.35 -26.96 -11.73
C ASN A 153 21.20 -25.94 -12.87
N ALA A 154 20.04 -25.94 -13.52
CA ALA A 154 19.76 -25.03 -14.62
C ALA A 154 19.22 -23.68 -14.12
N LEU A 155 20.02 -22.63 -14.32
CA LEU A 155 19.68 -21.27 -13.91
C LEU A 155 18.50 -20.73 -14.71
N GLN A 156 17.38 -20.51 -14.03
CA GLN A 156 16.13 -20.08 -14.67
C GLN A 156 16.15 -18.59 -15.03
N SER A 157 15.34 -18.23 -16.02
CA SER A 157 15.25 -16.85 -16.51
C SER A 157 13.88 -16.55 -17.08
N GLY A 158 13.29 -15.42 -16.65
CA GLY A 158 12.03 -14.92 -17.19
C GLY A 158 10.78 -15.69 -16.80
N ASN A 159 10.89 -16.59 -15.83
CA ASN A 159 9.73 -17.38 -15.38
C ASN A 159 9.40 -17.22 -13.89
N SER A 160 9.90 -16.14 -13.29
CA SER A 160 9.63 -15.83 -11.89
C SER A 160 9.26 -14.36 -11.69
N GLN A 161 8.52 -14.08 -10.61
CA GLN A 161 8.15 -12.72 -10.26
C GLN A 161 8.43 -12.42 -8.79
N GLU A 162 8.87 -11.20 -8.53
CA GLU A 162 9.23 -10.79 -7.17
C GLU A 162 8.27 -9.78 -6.58
N SER A 163 8.08 -9.87 -5.27
CA SER A 163 7.29 -8.90 -4.52
C SER A 163 7.97 -8.61 -3.18
N VAL A 164 8.07 -7.33 -2.84
CA VAL A 164 8.72 -6.89 -1.60
C VAL A 164 7.72 -6.16 -0.72
N THR A 165 7.70 -6.51 0.56
CA THR A 165 6.87 -5.79 1.53
C THR A 165 7.38 -4.36 1.71
N GLU A 166 6.49 -3.49 2.18
CA GLU A 166 6.89 -2.16 2.63
C GLU A 166 7.75 -2.32 3.87
N GLN A 167 8.72 -1.42 4.03
CA GLN A 167 9.60 -1.45 5.20
C GLN A 167 8.78 -1.53 6.48
N ASP A 168 9.14 -2.46 7.35
CA ASP A 168 8.45 -2.65 8.62
C ASP A 168 8.56 -1.41 9.51
N SER A 169 7.47 -1.05 10.15
CA SER A 169 7.40 0.15 10.99
C SER A 169 8.08 0.01 12.36
N LYS A 170 8.47 -1.21 12.72
CA LYS A 170 9.12 -1.47 14.02
C LYS A 170 10.60 -1.86 13.92
N ASP A 171 10.92 -2.84 13.07
CA ASP A 171 12.31 -3.31 12.94
C ASP A 171 13.02 -2.80 11.68
N SER A 172 12.29 -2.06 10.85
CA SER A 172 12.80 -1.45 9.61
C SER A 172 13.34 -2.45 8.57
N THR A 173 12.86 -3.68 8.63
CA THR A 173 13.30 -4.72 7.69
C THR A 173 12.32 -4.88 6.54
N TYR A 174 12.77 -5.55 5.49
CA TYR A 174 11.93 -5.91 4.35
C TYR A 174 11.77 -7.43 4.29
N SER A 175 10.71 -7.88 3.62
CA SER A 175 10.58 -9.28 3.25
C SER A 175 10.33 -9.38 1.75
N LEU A 176 10.86 -10.43 1.14
CA LEU A 176 10.72 -10.65 -0.30
C LEU A 176 10.22 -12.06 -0.61
N SER A 177 9.25 -12.14 -1.52
CA SER A 177 8.79 -13.43 -2.04
C SER A 177 9.10 -13.53 -3.53
N SER A 178 9.66 -14.66 -3.93
CA SER A 178 9.89 -14.96 -5.34
C SER A 178 9.09 -16.21 -5.70
N THR A 179 8.25 -16.09 -6.73
CA THR A 179 7.41 -17.19 -7.18
C THR A 179 7.84 -17.65 -8.56
N LEU A 180 8.31 -18.91 -8.64
CA LEU A 180 8.61 -19.55 -9.91
C LEU A 180 7.37 -20.30 -10.38
N THR A 181 6.89 -19.94 -11.57
CA THR A 181 5.69 -20.57 -12.12
C THR A 181 6.04 -21.44 -13.34
N LEU A 182 5.63 -22.71 -13.28
CA LEU A 182 5.82 -23.65 -14.38
C LEU A 182 4.57 -24.52 -14.54
N SER A 183 4.41 -25.11 -15.72
CA SER A 183 3.33 -26.07 -15.96
C SER A 183 3.58 -27.35 -15.18
N LYS A 184 2.51 -28.08 -14.86
CA LYS A 184 2.60 -29.34 -14.12
C LYS A 184 3.48 -30.36 -14.86
N ALA A 185 3.41 -30.33 -16.20
CA ALA A 185 4.21 -31.21 -17.06
C ALA A 185 5.70 -30.93 -16.91
N ASP A 186 6.07 -29.65 -16.81
CA ASP A 186 7.46 -29.25 -16.63
C ASP A 186 7.98 -29.47 -15.22
N TYR A 187 7.10 -29.31 -14.24
CA TYR A 187 7.45 -29.48 -12.83
C TYR A 187 7.75 -30.95 -12.46
N GLU A 188 6.93 -31.86 -12.95
CA GLU A 188 7.05 -33.28 -12.60
C GLU A 188 8.08 -34.04 -13.43
N LYS A 189 8.81 -33.31 -14.28
CA LYS A 189 9.90 -33.89 -15.07
C LYS A 189 11.25 -33.34 -14.61
N HIS A 190 11.30 -32.84 -13.39
CA HIS A 190 12.53 -32.35 -12.76
C HIS A 190 12.56 -32.72 -11.27
N LYS A 191 13.76 -32.74 -10.69
CA LYS A 191 13.96 -33.25 -9.33
C LYS A 191 14.34 -32.18 -8.30
N VAL A 192 15.45 -31.47 -8.56
CA VAL A 192 15.99 -30.51 -7.58
C VAL A 192 15.55 -29.09 -7.86
N TYR A 193 14.83 -28.50 -6.90
CA TYR A 193 14.35 -27.12 -7.00
C TYR A 193 15.02 -26.23 -5.94
N ALA A 194 15.90 -25.34 -6.42
CA ALA A 194 16.73 -24.52 -5.54
C ALA A 194 16.48 -23.03 -5.70
N CYS A 195 16.58 -22.32 -4.57
CA CYS A 195 16.51 -20.87 -4.53
C CYS A 195 17.79 -20.34 -3.90
N GLU A 196 18.63 -19.70 -4.72
CA GLU A 196 19.88 -19.11 -4.23
C GLU A 196 19.70 -17.62 -3.94
N VAL A 197 20.19 -17.19 -2.79
CA VAL A 197 20.03 -15.82 -2.32
C VAL A 197 21.37 -15.16 -2.07
N THR A 198 21.61 -14.03 -2.75
CA THR A 198 22.80 -13.23 -2.53
C THR A 198 22.38 -11.93 -1.87
N HIS A 199 23.02 -11.61 -0.75
CA HIS A 199 22.68 -10.43 0.04
C HIS A 199 23.86 -9.99 0.89
N GLN A 200 23.98 -8.67 1.03
CA GLN A 200 25.00 -8.01 1.84
C GLN A 200 25.18 -8.61 3.25
N GLY A 201 24.08 -8.99 3.89
CA GLY A 201 24.12 -9.62 5.22
C GLY A 201 24.75 -11.01 5.25
N LEU A 202 24.81 -11.66 4.10
CA LEU A 202 25.36 -13.00 3.98
C LEU A 202 26.79 -12.97 3.46
N SER A 203 27.70 -13.62 4.19
CA SER A 203 29.11 -13.72 3.80
C SER A 203 29.26 -14.47 2.48
N SER A 204 28.36 -15.43 2.26
CA SER A 204 28.29 -16.21 1.03
C SER A 204 26.82 -16.42 0.69
N PRO A 205 26.49 -16.59 -0.60
CA PRO A 205 25.09 -16.86 -0.97
C PRO A 205 24.55 -18.11 -0.25
N VAL A 206 23.27 -18.07 0.08
CA VAL A 206 22.59 -19.18 0.75
C VAL A 206 21.61 -19.83 -0.23
N THR A 207 21.63 -21.16 -0.28
CA THR A 207 20.74 -21.91 -1.15
C THR A 207 19.79 -22.79 -0.33
N LYS A 208 18.50 -22.57 -0.52
CA LYS A 208 17.47 -23.47 0.02
C LYS A 208 16.88 -24.27 -1.13
N SER A 209 16.63 -25.56 -0.87
CA SER A 209 16.17 -26.47 -1.92
C SER A 209 15.36 -27.64 -1.39
N PHE A 210 14.67 -28.32 -2.30
CA PHE A 210 13.93 -29.54 -2.00
C PHE A 210 13.92 -30.46 -3.22
N ASN A 211 13.73 -31.75 -2.97
CA ASN A 211 13.53 -32.72 -4.05
C ASN A 211 12.03 -33.00 -4.20
N ARG A 212 11.55 -32.96 -5.44
CA ARG A 212 10.11 -33.15 -5.71
C ARG A 212 9.55 -34.43 -5.08
N GLY A 213 10.26 -35.55 -5.28
CA GLY A 213 9.86 -36.84 -4.73
C GLY A 213 10.66 -37.24 -3.49
N GLU A 214 10.62 -36.40 -2.45
CA GLU A 214 11.31 -36.69 -1.20
C GLU A 214 10.43 -36.36 0.01
N GLU B 1 -15.57 10.62 18.81
CA GLU B 1 -14.59 11.47 18.08
C GLU B 1 -15.02 11.68 16.62
N VAL B 2 -14.23 12.46 15.87
CA VAL B 2 -14.47 12.71 14.46
C VAL B 2 -14.18 11.43 13.66
N GLN B 3 -15.07 11.12 12.71
CA GLN B 3 -14.91 9.95 11.83
C GLN B 3 -15.39 10.24 10.41
N LEU B 4 -14.71 9.62 9.44
CA LEU B 4 -15.11 9.68 8.03
C LEU B 4 -15.04 8.29 7.39
N VAL B 5 -16.21 7.70 7.13
CA VAL B 5 -16.31 6.33 6.65
C VAL B 5 -16.74 6.29 5.17
N GLU B 6 -15.86 5.76 4.33
CA GLU B 6 -16.08 5.73 2.88
C GLU B 6 -16.55 4.38 2.38
N THR B 7 -17.49 4.42 1.43
CA THR B 7 -17.98 3.24 0.71
C THR B 7 -18.20 3.61 -0.75
N GLY B 8 -18.35 2.60 -1.61
CA GLY B 8 -18.73 2.81 -3.01
C GLY B 8 -17.68 2.42 -4.03
N GLY B 9 -16.47 2.14 -3.56
CA GLY B 9 -15.37 1.77 -4.43
C GLY B 9 -15.50 0.36 -4.96
N GLY B 10 -14.79 0.08 -6.06
CA GLY B 10 -14.78 -1.25 -6.67
C GLY B 10 -14.56 -1.19 -8.17
N LEU B 11 -14.83 -2.31 -8.84
CA LEU B 11 -14.69 -2.40 -10.29
C LEU B 11 -15.86 -1.76 -11.03
N ILE B 12 -15.53 -0.95 -12.04
CA ILE B 12 -16.51 -0.44 -13.01
C ILE B 12 -15.90 -0.35 -14.40
N GLN B 13 -16.74 -0.56 -15.41
CA GLN B 13 -16.32 -0.50 -16.81
C GLN B 13 -15.90 0.92 -17.18
N PRO B 14 -14.95 1.06 -18.14
CA PRO B 14 -14.69 2.38 -18.71
C PRO B 14 -15.95 2.93 -19.37
N GLY B 15 -16.14 4.25 -19.28
CA GLY B 15 -17.39 4.87 -19.73
C GLY B 15 -18.50 4.78 -18.70
N GLY B 16 -18.29 3.98 -17.66
CA GLY B 16 -19.30 3.75 -16.63
C GLY B 16 -19.44 4.90 -15.64
N SER B 17 -20.38 4.76 -14.71
CA SER B 17 -20.57 5.76 -13.67
C SER B 17 -20.56 5.08 -12.30
N LEU B 18 -20.15 5.82 -11.29
CA LEU B 18 -20.03 5.30 -9.92
C LEU B 18 -20.10 6.42 -8.90
N ARG B 19 -20.80 6.16 -7.80
CA ARG B 19 -20.95 7.12 -6.71
C ARG B 19 -20.22 6.64 -5.46
N LEU B 20 -19.45 7.54 -4.86
CA LEU B 20 -18.77 7.27 -3.60
C LEU B 20 -19.44 8.03 -2.47
N SER B 21 -19.56 7.38 -1.32
CA SER B 21 -20.16 8.02 -0.14
C SER B 21 -19.13 8.20 0.96
N CYS B 22 -19.29 9.26 1.73
CA CYS B 22 -18.44 9.53 2.88
C CYS B 22 -19.31 9.97 4.06
N ALA B 23 -19.55 9.03 4.99
CA ALA B 23 -20.44 9.27 6.14
C ALA B 23 -19.68 9.84 7.33
N ALA B 24 -20.09 11.02 7.77
CA ALA B 24 -19.39 11.74 8.84
C ALA B 24 -19.97 11.44 10.23
N SER B 25 -19.08 11.46 11.24
CA SER B 25 -19.47 11.37 12.64
C SER B 25 -18.64 12.37 13.44
N GLY B 26 -19.24 12.98 14.44
CA GLY B 26 -18.55 13.92 15.32
C GLY B 26 -18.51 15.36 14.83
N PHE B 27 -19.08 15.61 13.65
CA PHE B 27 -19.17 16.95 13.06
C PHE B 27 -20.17 16.95 11.90
N THR B 28 -20.62 18.13 11.50
CA THR B 28 -21.57 18.27 10.38
C THR B 28 -20.89 18.63 9.07
N VAL B 29 -21.25 17.91 8.02
CA VAL B 29 -20.74 18.16 6.66
C VAL B 29 -21.31 19.48 6.11
N SER B 30 -22.54 19.82 6.52
CA SER B 30 -23.26 21.00 6.02
C SER B 30 -22.60 22.34 6.37
N SER B 31 -21.96 22.41 7.54
CA SER B 31 -21.33 23.65 7.99
C SER B 31 -19.80 23.66 7.79
N ASN B 32 -19.29 22.62 7.13
CA ASN B 32 -17.86 22.48 6.88
C ASN B 32 -17.50 22.51 5.40
N TYR B 33 -16.29 22.96 5.10
CA TYR B 33 -15.70 22.86 3.77
C TYR B 33 -15.19 21.43 3.59
N MET B 34 -15.63 20.79 2.52
CA MET B 34 -15.39 19.35 2.34
C MET B 34 -14.71 19.09 0.99
N SER B 35 -13.99 17.97 0.90
CA SER B 35 -13.13 17.72 -0.26
C SER B 35 -12.99 16.25 -0.64
N TRP B 36 -12.79 16.01 -1.94
CA TRP B 36 -12.36 14.69 -2.43
C TRP B 36 -10.95 14.80 -3.00
N VAL B 37 -10.11 13.83 -2.63
CA VAL B 37 -8.71 13.78 -3.07
C VAL B 37 -8.42 12.35 -3.53
N ARG B 38 -7.79 12.19 -4.69
CA ARG B 38 -7.48 10.87 -5.21
C ARG B 38 -5.98 10.61 -5.36
N GLN B 39 -5.63 9.33 -5.35
CA GLN B 39 -4.24 8.91 -5.49
C GLN B 39 -4.18 7.68 -6.40
N ALA B 40 -3.67 7.86 -7.62
CA ALA B 40 -3.45 6.74 -8.52
C ALA B 40 -2.38 5.80 -7.94
N PRO B 41 -2.45 4.48 -8.25
CA PRO B 41 -1.49 3.52 -7.70
C PRO B 41 -0.03 3.95 -7.91
N GLY B 42 0.69 4.12 -6.80
CA GLY B 42 2.10 4.51 -6.84
C GLY B 42 2.36 5.98 -7.16
N LYS B 43 1.30 6.77 -7.24
CA LYS B 43 1.40 8.19 -7.60
C LYS B 43 1.18 9.09 -6.38
N GLY B 44 1.25 10.40 -6.61
CA GLY B 44 1.02 11.38 -5.56
C GLY B 44 -0.45 11.74 -5.38
N LEU B 45 -0.70 12.76 -4.57
CA LEU B 45 -2.06 13.18 -4.26
C LEU B 45 -2.58 14.21 -5.26
N GLU B 46 -3.80 13.98 -5.74
CA GLU B 46 -4.46 14.91 -6.65
C GLU B 46 -5.80 15.34 -6.06
N TRP B 47 -6.00 16.66 -5.97
CA TRP B 47 -7.26 17.23 -5.52
C TRP B 47 -8.32 17.04 -6.61
N VAL B 48 -9.49 16.56 -6.21
CA VAL B 48 -10.58 16.26 -7.15
C VAL B 48 -11.64 17.35 -7.15
N SER B 49 -12.26 17.58 -5.99
CA SER B 49 -13.31 18.59 -5.87
C SER B 49 -13.46 19.10 -4.45
N VAL B 50 -14.08 20.27 -4.33
CA VAL B 50 -14.43 20.84 -3.03
C VAL B 50 -15.90 21.29 -3.00
N ILE B 51 -16.50 21.23 -1.81
CA ILE B 51 -17.78 21.89 -1.55
C ILE B 51 -17.66 22.77 -0.29
N TYR B 52 -17.93 24.06 -0.48
CA TYR B 52 -17.87 25.06 0.58
C TYR B 52 -19.02 24.87 1.58
N SER B 53 -18.88 25.44 2.77
CA SER B 53 -19.95 25.41 3.78
C SER B 53 -21.24 26.04 3.24
N GLY B 54 -21.08 27.07 2.43
CA GLY B 54 -22.22 27.76 1.81
C GLY B 54 -22.72 27.11 0.53
N GLY B 55 -22.11 25.99 0.14
CA GLY B 55 -22.60 25.20 -1.00
C GLY B 55 -21.86 25.32 -2.31
N SER B 56 -21.03 26.36 -2.47
CA SER B 56 -20.23 26.56 -3.68
C SER B 56 -19.34 25.35 -3.96
N THR B 57 -19.26 24.94 -5.22
CA THR B 57 -18.49 23.77 -5.62
C THR B 57 -17.45 24.11 -6.69
N TYR B 58 -16.28 23.49 -6.57
CA TYR B 58 -15.20 23.67 -7.54
C TYR B 58 -14.54 22.32 -7.83
N TYR B 59 -14.05 22.18 -9.06
CA TYR B 59 -13.57 20.90 -9.58
C TYR B 59 -12.22 21.06 -10.26
N ALA B 60 -11.37 20.05 -10.15
CA ALA B 60 -10.14 19.97 -10.95
C ALA B 60 -10.52 19.92 -12.42
N ASP B 61 -9.68 20.54 -13.26
CA ASP B 61 -9.94 20.61 -14.70
C ASP B 61 -10.13 19.23 -15.31
N SER B 62 -9.43 18.24 -14.77
CA SER B 62 -9.48 16.85 -15.26
C SER B 62 -10.82 16.13 -15.01
N VAL B 63 -11.65 16.69 -14.12
CA VAL B 63 -12.94 16.08 -13.78
C VAL B 63 -14.17 16.95 -14.09
N LYS B 64 -13.92 18.23 -14.42
CA LYS B 64 -14.99 19.19 -14.71
C LYS B 64 -15.96 18.68 -15.77
N GLY B 65 -17.26 18.73 -15.43
CA GLY B 65 -18.32 18.27 -16.32
C GLY B 65 -18.67 16.79 -16.23
N ARG B 66 -17.85 16.03 -15.50
CA ARG B 66 -18.00 14.58 -15.35
C ARG B 66 -18.38 14.19 -13.92
N PHE B 67 -17.84 14.92 -12.96
CA PHE B 67 -17.96 14.60 -11.54
C PHE B 67 -18.83 15.63 -10.85
N THR B 68 -19.61 15.18 -9.85
CA THR B 68 -20.36 16.11 -9.02
C THR B 68 -20.13 15.76 -7.54
N ILE B 69 -19.70 16.77 -6.78
CA ILE B 69 -19.60 16.68 -5.33
C ILE B 69 -20.88 17.27 -4.73
N SER B 70 -21.41 16.61 -3.70
CA SER B 70 -22.63 17.06 -3.03
C SER B 70 -22.71 16.48 -1.61
N ARG B 71 -23.73 16.88 -0.87
CA ARG B 71 -23.95 16.33 0.47
C ARG B 71 -25.44 16.16 0.79
N ASP B 72 -25.72 15.21 1.66
CA ASP B 72 -27.04 15.04 2.24
C ASP B 72 -26.92 15.40 3.71
N ASN B 73 -27.51 16.53 4.09
CA ASN B 73 -27.40 17.06 5.45
C ASN B 73 -27.97 16.14 6.54
N SER B 74 -29.15 15.58 6.30
CA SER B 74 -29.82 14.71 7.28
C SER B 74 -29.12 13.36 7.48
N LYS B 75 -28.47 12.87 6.43
CA LYS B 75 -27.67 11.65 6.51
C LYS B 75 -26.22 11.96 6.90
N ASN B 76 -25.91 13.24 7.00
CA ASN B 76 -24.56 13.73 7.33
C ASN B 76 -23.48 13.07 6.47
N THR B 77 -23.73 13.03 5.15
CA THR B 77 -22.92 12.26 4.21
C THR B 77 -22.48 13.12 3.02
N LEU B 78 -21.22 12.93 2.62
CA LEU B 78 -20.66 13.56 1.42
C LEU B 78 -20.65 12.57 0.25
N TYR B 79 -20.95 13.06 -0.95
CA TYR B 79 -20.98 12.19 -2.14
C TYR B 79 -20.10 12.72 -3.26
N LEU B 80 -19.60 11.79 -4.06
CA LEU B 80 -18.97 12.10 -5.34
C LEU B 80 -19.59 11.20 -6.40
N GLN B 81 -20.37 11.80 -7.29
CA GLN B 81 -20.97 11.08 -8.41
C GLN B 81 -20.09 11.25 -9.65
N MET B 82 -19.51 10.16 -10.10
CA MET B 82 -18.57 10.18 -11.22
C MET B 82 -19.19 9.60 -12.48
N ASN B 83 -18.81 10.15 -13.63
CA ASN B 83 -19.30 9.70 -14.94
C ASN B 83 -18.15 9.53 -15.94
N SER B 84 -18.42 8.81 -17.02
CA SER B 84 -17.49 8.67 -18.15
C SER B 84 -16.07 8.35 -17.67
N LEU B 85 -15.97 7.30 -16.86
CA LEU B 85 -14.72 6.95 -16.21
C LEU B 85 -13.72 6.33 -17.18
N ARG B 86 -12.45 6.69 -17.00
CA ARG B 86 -11.36 6.19 -17.84
C ARG B 86 -10.30 5.58 -16.93
N ALA B 87 -9.34 4.86 -17.52
CA ALA B 87 -8.26 4.22 -16.77
C ALA B 87 -7.45 5.20 -15.93
N GLU B 88 -7.44 6.46 -16.37
CA GLU B 88 -6.77 7.55 -15.68
C GLU B 88 -7.48 7.92 -14.36
N ASP B 89 -8.71 7.43 -14.19
CA ASP B 89 -9.49 7.68 -12.98
C ASP B 89 -9.31 6.58 -11.93
N THR B 90 -8.57 5.52 -12.27
CA THR B 90 -8.22 4.46 -11.32
C THR B 90 -7.34 5.03 -10.21
N ALA B 91 -7.85 4.95 -8.97
CA ALA B 91 -7.22 5.60 -7.82
C ALA B 91 -7.89 5.20 -6.51
N VAL B 92 -7.18 5.42 -5.40
CA VAL B 92 -7.79 5.42 -4.09
C VAL B 92 -8.34 6.83 -3.87
N TYR B 93 -9.64 6.91 -3.60
CA TYR B 93 -10.31 8.19 -3.41
C TYR B 93 -10.54 8.46 -1.94
N TYR B 94 -10.14 9.66 -1.51
CA TYR B 94 -10.28 10.08 -0.12
C TYR B 94 -11.23 11.26 -0.01
N CYS B 95 -12.16 11.18 0.94
CA CYS B 95 -12.90 12.36 1.36
C CYS B 95 -12.13 13.00 2.51
N ALA B 96 -12.21 14.32 2.62
CA ALA B 96 -11.49 15.05 3.66
C ALA B 96 -12.16 16.35 4.10
N ARG B 97 -12.21 16.55 5.41
CA ARG B 97 -12.62 17.82 5.99
C ARG B 97 -11.45 18.81 5.94
N TYR B 98 -11.74 20.05 5.58
CA TYR B 98 -10.75 21.11 5.68
C TYR B 98 -11.39 22.44 6.05
N ASP B 99 -10.70 23.25 6.85
CA ASP B 99 -11.22 24.57 7.25
C ASP B 99 -11.15 25.58 6.09
N GLY B 100 -12.17 26.41 5.98
CA GLY B 100 -12.33 27.34 4.85
C GLY B 100 -11.19 28.30 4.59
N ILE B 101 -10.57 28.78 5.67
CA ILE B 101 -9.52 29.80 5.60
C ILE B 101 -8.28 29.29 4.87
N TYR B 102 -7.46 28.49 5.55
CA TYR B 102 -6.44 27.71 4.87
C TYR B 102 -6.95 26.31 4.61
N GLY B 103 -6.90 25.89 3.34
CA GLY B 103 -7.37 24.59 2.92
C GLY B 103 -6.46 23.43 3.27
N GLU B 104 -6.10 23.32 4.54
CA GLU B 104 -5.41 22.14 5.02
C GLU B 104 -6.44 21.10 5.43
N LEU B 105 -6.14 19.84 5.14
CA LEU B 105 -7.06 18.74 5.32
C LEU B 105 -6.76 18.01 6.62
N ASP B 106 -7.51 18.34 7.67
CA ASP B 106 -7.23 17.87 9.03
C ASP B 106 -7.84 16.50 9.34
N PHE B 107 -8.89 16.13 8.64
CA PHE B 107 -9.45 14.80 8.83
C PHE B 107 -9.77 14.11 7.52
N TRP B 108 -9.30 12.88 7.39
CA TRP B 108 -9.38 12.11 6.16
C TRP B 108 -10.18 10.83 6.37
N GLY B 109 -10.90 10.42 5.34
CA GLY B 109 -11.49 9.09 5.31
C GLY B 109 -10.40 8.06 5.05
N GLN B 110 -10.73 6.79 5.25
CA GLN B 110 -9.76 5.69 5.12
C GLN B 110 -9.38 5.42 3.65
N GLY B 111 -10.17 5.98 2.73
CA GLY B 111 -9.95 5.76 1.31
C GLY B 111 -10.75 4.60 0.76
N THR B 112 -11.05 4.65 -0.53
CA THR B 112 -11.71 3.55 -1.22
C THR B 112 -11.18 3.43 -2.65
N LEU B 113 -10.83 2.20 -3.04
CA LEU B 113 -10.22 1.96 -4.35
C LEU B 113 -11.27 1.86 -5.45
N VAL B 114 -11.07 2.66 -6.50
CA VAL B 114 -11.87 2.57 -7.71
C VAL B 114 -10.98 2.05 -8.84
N THR B 115 -11.34 0.90 -9.42
CA THR B 115 -10.61 0.33 -10.52
C THR B 115 -11.45 0.43 -11.80
N VAL B 116 -10.95 1.22 -12.76
CA VAL B 116 -11.65 1.39 -14.03
C VAL B 116 -11.04 0.43 -15.06
N SER B 117 -11.77 -0.65 -15.36
CA SER B 117 -11.28 -1.69 -16.26
C SER B 117 -12.44 -2.43 -16.94
N SER B 118 -12.20 -2.92 -18.14
CA SER B 118 -13.21 -3.70 -18.87
C SER B 118 -13.07 -5.21 -18.61
N ALA B 119 -12.03 -5.60 -17.88
CA ALA B 119 -11.79 -7.01 -17.56
C ALA B 119 -12.78 -7.51 -16.50
N SER B 120 -13.13 -8.79 -16.59
CA SER B 120 -14.14 -9.40 -15.72
C SER B 120 -13.57 -9.71 -14.33
N THR B 121 -14.46 -9.71 -13.33
CA THR B 121 -14.10 -10.08 -11.97
C THR B 121 -13.83 -11.57 -11.89
N LYS B 122 -12.75 -11.94 -11.20
CA LYS B 122 -12.41 -13.33 -10.95
C LYS B 122 -11.98 -13.53 -9.50
N GLY B 123 -12.53 -14.55 -8.86
CA GLY B 123 -12.17 -14.91 -7.49
C GLY B 123 -10.83 -15.63 -7.41
N PRO B 124 -10.11 -15.48 -6.28
CA PRO B 124 -8.79 -16.09 -6.17
C PRO B 124 -8.82 -17.58 -5.81
N SER B 125 -7.81 -18.32 -6.28
CA SER B 125 -7.58 -19.69 -5.84
C SER B 125 -6.58 -19.67 -4.69
N VAL B 126 -7.01 -20.19 -3.53
CA VAL B 126 -6.18 -20.17 -2.31
C VAL B 126 -5.53 -21.52 -2.05
N PHE B 127 -4.21 -21.57 -2.20
CA PHE B 127 -3.43 -22.78 -1.97
C PHE B 127 -2.55 -22.64 -0.73
N PRO B 128 -2.34 -23.74 0.02
CA PRO B 128 -1.51 -23.65 1.23
C PRO B 128 -0.01 -23.65 0.94
N LEU B 129 0.75 -23.00 1.83
CA LEU B 129 2.21 -23.07 1.79
C LEU B 129 2.67 -23.78 3.07
N ALA B 130 2.72 -25.10 2.99
CA ALA B 130 2.98 -25.95 4.15
C ALA B 130 4.44 -25.92 4.61
N PRO B 131 4.66 -25.92 5.94
CA PRO B 131 6.01 -26.03 6.50
C PRO B 131 6.50 -27.48 6.55
N SER B 132 7.81 -27.67 6.37
CA SER B 132 8.42 -29.00 6.43
C SER B 132 9.88 -28.93 6.86
C GLY B 139 12.03 -22.31 15.41
N THR B 140 12.02 -22.05 14.11
CA THR B 140 11.09 -21.09 13.52
C THR B 140 10.56 -21.61 12.18
N ALA B 141 9.27 -21.90 12.13
CA ALA B 141 8.64 -22.44 10.92
C ALA B 141 7.86 -21.39 10.14
N ALA B 142 8.12 -21.32 8.84
CA ALA B 142 7.39 -20.45 7.94
C ALA B 142 6.25 -21.20 7.26
N LEU B 143 5.05 -20.62 7.32
CA LEU B 143 3.89 -21.16 6.62
C LEU B 143 3.00 -20.03 6.08
N GLY B 144 2.33 -20.29 4.97
CA GLY B 144 1.49 -19.26 4.35
C GLY B 144 0.35 -19.74 3.48
N CYS B 145 -0.21 -18.79 2.72
CA CYS B 145 -1.25 -19.07 1.72
C CYS B 145 -0.92 -18.36 0.42
N LEU B 146 -1.10 -19.07 -0.69
CA LEU B 146 -0.92 -18.50 -2.01
C LEU B 146 -2.26 -18.09 -2.61
N VAL B 147 -2.49 -16.78 -2.71
CA VAL B 147 -3.73 -16.22 -3.22
C VAL B 147 -3.55 -15.90 -4.71
N LYS B 148 -3.96 -16.84 -5.56
CA LYS B 148 -3.60 -16.81 -6.98
C LYS B 148 -4.78 -16.53 -7.92
N ASP B 149 -4.48 -15.82 -9.02
CA ASP B 149 -5.40 -15.61 -10.14
C ASP B 149 -6.71 -14.93 -9.78
N TYR B 150 -6.64 -13.64 -9.46
CA TYR B 150 -7.83 -12.84 -9.17
C TYR B 150 -7.80 -11.48 -9.85
N PHE B 151 -8.98 -10.86 -9.97
CA PHE B 151 -9.13 -9.50 -10.49
C PHE B 151 -10.43 -8.92 -9.97
N PRO B 152 -10.41 -7.64 -9.52
CA PRO B 152 -9.23 -6.80 -9.39
C PRO B 152 -8.69 -6.78 -7.96
N GLU B 153 -7.85 -5.81 -7.64
CA GLU B 153 -7.47 -5.50 -6.26
C GLU B 153 -8.70 -4.96 -5.51
N PRO B 154 -8.74 -5.11 -4.17
CA PRO B 154 -7.77 -5.81 -3.33
C PRO B 154 -8.31 -7.11 -2.71
N VAL B 155 -7.41 -7.88 -2.12
CA VAL B 155 -7.77 -8.99 -1.23
C VAL B 155 -7.30 -8.67 0.19
N THR B 156 -8.08 -9.10 1.18
CA THR B 156 -7.66 -8.99 2.58
C THR B 156 -7.38 -10.37 3.15
N VAL B 157 -6.22 -10.53 3.77
CA VAL B 157 -5.83 -11.78 4.41
C VAL B 157 -5.63 -11.58 5.92
N SER B 158 -6.34 -12.38 6.70
CA SER B 158 -6.11 -12.47 8.13
C SER B 158 -5.70 -13.90 8.48
N TRP B 159 -5.22 -14.10 9.70
CA TRP B 159 -4.86 -15.42 10.19
C TRP B 159 -5.57 -15.72 11.50
N ASN B 160 -6.22 -16.89 11.55
CA ASN B 160 -7.04 -17.30 12.68
C ASN B 160 -8.09 -16.26 13.07
N SER B 161 -8.81 -15.76 12.05
CA SER B 161 -9.84 -14.72 12.20
C SER B 161 -9.33 -13.43 12.85
N GLY B 162 -8.04 -13.14 12.64
CA GLY B 162 -7.42 -11.92 13.16
C GLY B 162 -6.74 -12.08 14.50
N ALA B 163 -6.76 -13.29 15.05
CA ALA B 163 -6.13 -13.59 16.34
C ALA B 163 -4.61 -13.65 16.25
N LEU B 164 -4.10 -14.11 15.10
CA LEU B 164 -2.67 -14.15 14.84
C LEU B 164 -2.25 -13.01 13.91
N THR B 165 -1.53 -12.04 14.47
CA THR B 165 -1.03 -10.89 13.70
C THR B 165 0.49 -10.81 13.73
N SER B 166 1.08 -11.36 14.79
CA SER B 166 2.53 -11.35 14.99
C SER B 166 3.25 -12.17 13.92
N GLY B 167 4.22 -11.54 13.26
CA GLY B 167 5.05 -12.20 12.26
C GLY B 167 4.40 -12.42 10.90
N VAL B 168 3.26 -11.78 10.67
CA VAL B 168 2.51 -11.90 9.42
C VAL B 168 3.05 -10.93 8.35
N HIS B 169 3.39 -11.48 7.19
CA HIS B 169 3.72 -10.67 6.02
C HIS B 169 2.79 -11.01 4.86
N THR B 170 1.90 -10.07 4.53
CA THR B 170 1.09 -10.17 3.32
C THR B 170 1.75 -9.31 2.25
N PHE B 171 2.16 -9.95 1.16
CA PHE B 171 2.94 -9.29 0.12
C PHE B 171 2.08 -8.48 -0.84
N PRO B 172 2.64 -7.36 -1.37
CA PRO B 172 1.98 -6.64 -2.46
C PRO B 172 1.74 -7.58 -3.65
N ALA B 173 0.59 -7.44 -4.28
CA ALA B 173 0.22 -8.31 -5.40
C ALA B 173 1.04 -7.98 -6.64
N VAL B 174 1.36 -9.01 -7.41
CA VAL B 174 2.04 -8.82 -8.69
C VAL B 174 1.08 -9.11 -9.85
N LEU B 175 1.13 -8.27 -10.87
CA LEU B 175 0.36 -8.50 -12.08
C LEU B 175 1.08 -9.52 -12.94
N GLN B 176 0.42 -10.66 -13.18
CA GLN B 176 0.98 -11.71 -14.02
C GLN B 176 0.75 -11.36 -15.49
N SER B 177 1.46 -12.03 -16.40
CA SER B 177 1.33 -11.79 -17.84
C SER B 177 -0.07 -12.11 -18.36
N SER B 178 -0.80 -12.93 -17.60
CA SER B 178 -2.18 -13.28 -17.91
C SER B 178 -3.17 -12.12 -17.68
N GLY B 179 -2.74 -11.14 -16.89
CA GLY B 179 -3.60 -9.99 -16.55
C GLY B 179 -4.28 -10.12 -15.20
N LEU B 180 -4.01 -11.22 -14.49
CA LEU B 180 -4.58 -11.47 -13.17
C LEU B 180 -3.52 -11.31 -12.07
N TYR B 181 -3.98 -11.04 -10.85
CA TYR B 181 -3.08 -10.78 -9.73
C TYR B 181 -2.81 -12.03 -8.90
N SER B 182 -1.65 -12.05 -8.26
CA SER B 182 -1.30 -13.07 -7.29
C SER B 182 -0.44 -12.49 -6.17
N LEU B 183 -0.71 -12.92 -4.94
CA LEU B 183 0.13 -12.60 -3.79
C LEU B 183 0.23 -13.79 -2.84
N SER B 184 1.23 -13.73 -1.96
CA SER B 184 1.34 -14.68 -0.87
C SER B 184 1.22 -13.96 0.47
N SER B 185 0.68 -14.66 1.46
CA SER B 185 0.65 -14.18 2.83
C SER B 185 1.32 -15.23 3.71
N VAL B 186 2.39 -14.83 4.39
CA VAL B 186 3.15 -15.75 5.22
C VAL B 186 3.19 -15.32 6.69
N VAL B 187 3.38 -16.31 7.57
CA VAL B 187 3.58 -16.05 8.99
C VAL B 187 4.62 -17.03 9.55
N THR B 188 5.52 -16.52 10.38
CA THR B 188 6.49 -17.36 11.08
C THR B 188 5.99 -17.68 12.49
N VAL B 189 6.09 -18.95 12.86
CA VAL B 189 5.62 -19.42 14.16
C VAL B 189 6.65 -20.36 14.79
N PRO B 190 6.64 -20.49 16.14
CA PRO B 190 7.51 -21.49 16.76
C PRO B 190 7.11 -22.91 16.34
N SER B 191 8.09 -23.67 15.85
CA SER B 191 7.85 -25.04 15.37
C SER B 191 7.38 -25.99 16.47
N SER B 192 7.53 -25.57 17.72
CA SER B 192 7.07 -26.34 18.87
C SER B 192 5.55 -26.28 19.05
N SER B 193 4.88 -25.48 18.22
CA SER B 193 3.42 -25.31 18.30
C SER B 193 2.68 -25.86 17.08
N LEU B 194 3.43 -26.43 16.12
CA LEU B 194 2.85 -26.98 14.89
C LEU B 194 1.89 -28.14 15.14
N GLY B 195 2.12 -28.88 16.22
CA GLY B 195 1.28 -30.02 16.58
C GLY B 195 -0.04 -29.64 17.19
N THR B 196 -0.01 -28.67 18.11
CA THR B 196 -1.19 -28.29 18.90
C THR B 196 -2.03 -27.16 18.28
N GLN B 197 -1.38 -26.21 17.64
CA GLN B 197 -2.07 -25.02 17.11
C GLN B 197 -2.51 -25.18 15.65
N THR B 198 -3.75 -24.77 15.39
CA THR B 198 -4.32 -24.76 14.04
C THR B 198 -4.12 -23.40 13.40
N TYR B 199 -3.59 -23.38 12.18
CA TYR B 199 -3.37 -22.14 11.45
C TYR B 199 -4.23 -22.05 10.19
N ILE B 200 -5.18 -21.11 10.21
CA ILE B 200 -6.10 -20.89 9.10
C ILE B 200 -5.98 -19.47 8.57
N CYS B 201 -5.75 -19.33 7.27
CA CYS B 201 -5.73 -18.03 6.62
C CYS B 201 -7.13 -17.70 6.08
N ASN B 202 -7.59 -16.48 6.37
CA ASN B 202 -8.90 -16.04 5.90
C ASN B 202 -8.75 -15.04 4.74
N VAL B 203 -8.94 -15.54 3.52
CA VAL B 203 -8.81 -14.73 2.33
C VAL B 203 -10.17 -14.19 1.90
N ASN B 204 -10.31 -12.87 1.91
CA ASN B 204 -11.55 -12.22 1.51
C ASN B 204 -11.34 -11.34 0.27
N HIS B 205 -12.11 -11.63 -0.78
CA HIS B 205 -12.09 -10.84 -2.00
C HIS B 205 -13.50 -10.33 -2.29
N LYS B 206 -13.78 -9.13 -1.80
CA LYS B 206 -15.12 -8.53 -1.87
C LYS B 206 -15.66 -8.24 -3.28
N PRO B 207 -14.79 -7.83 -4.23
CA PRO B 207 -15.23 -7.62 -5.61
C PRO B 207 -15.94 -8.82 -6.25
N SER B 208 -15.60 -10.04 -5.83
CA SER B 208 -16.20 -11.25 -6.38
C SER B 208 -16.96 -12.06 -5.32
N ASN B 209 -17.18 -11.46 -4.15
CA ASN B 209 -17.82 -12.11 -3.00
C ASN B 209 -17.15 -13.41 -2.52
N THR B 210 -15.90 -13.61 -2.93
CA THR B 210 -15.15 -14.81 -2.56
C THR B 210 -14.60 -14.67 -1.14
N LYS B 211 -15.05 -15.57 -0.27
CA LYS B 211 -14.58 -15.63 1.11
C LYS B 211 -14.14 -17.05 1.44
N VAL B 212 -12.82 -17.26 1.46
CA VAL B 212 -12.24 -18.59 1.63
C VAL B 212 -11.42 -18.70 2.92
N ASP B 213 -11.73 -19.72 3.71
CA ASP B 213 -10.90 -20.11 4.85
C ASP B 213 -10.10 -21.33 4.47
N LYS B 214 -8.78 -21.27 4.68
CA LYS B 214 -7.89 -22.35 4.29
C LYS B 214 -6.98 -22.78 5.44
N LYS B 215 -7.11 -24.04 5.83
CA LYS B 215 -6.27 -24.62 6.88
C LYS B 215 -4.90 -24.98 6.33
N VAL B 216 -3.85 -24.52 7.01
CA VAL B 216 -2.47 -24.86 6.64
C VAL B 216 -1.89 -25.82 7.68
N GLU B 217 -1.53 -27.01 7.21
CA GLU B 217 -1.02 -28.08 8.08
C GLU B 217 0.34 -28.59 7.59
N PRO B 218 1.19 -29.07 8.52
CA PRO B 218 2.53 -29.59 8.22
C PRO B 218 2.61 -30.48 6.98
S SO4 C . 0.05 6.79 12.33
O1 SO4 C . 1.31 7.04 13.06
O2 SO4 C . 0.01 7.63 11.10
O3 SO4 C . -1.10 7.13 13.19
O4 SO4 C . -0.01 5.37 11.95
S SO4 D . -9.41 4.61 -21.33
O1 SO4 D . -8.27 5.53 -21.11
O2 SO4 D . -9.09 3.72 -22.46
O3 SO4 D . -10.62 5.41 -21.64
O4 SO4 D . -9.66 3.79 -20.12
#